data_4YTO
#
_entry.id   4YTO
#
_cell.length_a   119.606
_cell.length_b   119.606
_cell.length_c   83.572
_cell.angle_alpha   90.00
_cell.angle_beta   90.00
_cell.angle_gamma   90.00
#
_symmetry.space_group_name_H-M   'P 41 21 2'
#
loop_
_entity.id
_entity.type
_entity.pdbx_description
1 polymer 'Synaptonemal complex protein 1'
2 non-polymer GLYCEROL
3 water water
#
_entity_poly.entity_id   1
_entity_poly.type   'polypeptide(L)'
_entity_poly.pdbx_seq_one_letter_code
;DTYQKEIEDKKISEENLLEEVEKAKVIADEAVKLQKEIDKRCQHKIAEMVALMEKHKHQYDKIIEERDSELGLYKSKEQE
QSSLRASLEIELSNLKAELLSVKKQLEIEREEKEKLKREAKENTATLKEKKDKKTQTFLLLEHHHHHH
;
_entity_poly.pdbx_strand_id   A,B
#
loop_
_chem_comp.id
_chem_comp.type
_chem_comp.name
_chem_comp.formula
GOL non-polymer GLYCEROL 'C3 H8 O3'
#
# COMPACT_ATOMS: atom_id res chain seq x y z
N ILE A 12 26.46 -58.32 -5.37
CA ILE A 12 25.40 -59.32 -5.79
C ILE A 12 25.31 -59.31 -7.33
N SER A 13 24.30 -59.98 -7.86
CA SER A 13 23.96 -59.92 -9.26
C SER A 13 24.22 -58.52 -9.89
N GLU A 14 24.57 -58.53 -11.18
CA GLU A 14 24.57 -57.33 -12.00
C GLU A 14 23.15 -56.89 -12.30
N GLU A 15 22.24 -57.85 -12.34
CA GLU A 15 20.85 -57.54 -12.65
C GLU A 15 20.21 -56.82 -11.43
N ASN A 16 20.67 -57.25 -10.27
CA ASN A 16 20.25 -56.66 -9.05
C ASN A 16 20.66 -55.18 -9.15
N LEU A 17 21.92 -54.90 -9.47
CA LEU A 17 22.47 -53.55 -9.44
C LEU A 17 21.72 -52.65 -10.39
N LEU A 18 21.41 -53.17 -11.55
CA LEU A 18 20.71 -52.40 -12.50
C LEU A 18 19.34 -51.92 -12.00
N GLU A 19 18.60 -52.85 -11.37
CA GLU A 19 17.27 -52.62 -10.93
C GLU A 19 17.29 -51.60 -9.79
N GLU A 20 18.26 -51.71 -8.92
CA GLU A 20 18.50 -50.74 -7.91
C GLU A 20 18.84 -49.31 -8.38
N VAL A 21 19.78 -49.21 -9.28
CA VAL A 21 20.04 -47.98 -10.03
C VAL A 21 18.83 -47.35 -10.68
N GLU A 22 18.00 -48.17 -11.30
CA GLU A 22 16.81 -47.67 -11.99
C GLU A 22 15.82 -47.21 -11.01
N LYS A 23 15.76 -47.79 -9.85
CA LYS A 23 14.89 -47.29 -8.84
C LYS A 23 15.45 -45.91 -8.35
N ALA A 24 16.75 -45.86 -8.06
CA ALA A 24 17.35 -44.63 -7.61
C ALA A 24 17.18 -43.50 -8.63
N LYS A 25 17.28 -43.81 -9.90
CA LYS A 25 17.16 -42.85 -10.98
C LYS A 25 15.76 -42.27 -11.06
N VAL A 26 14.70 -43.09 -11.08
CA VAL A 26 13.40 -42.56 -11.24
C VAL A 26 13.03 -41.83 -9.99
N ILE A 27 13.49 -42.26 -8.83
CA ILE A 27 13.20 -41.54 -7.60
C ILE A 27 13.90 -40.16 -7.60
N ALA A 28 15.15 -40.12 -7.96
CA ALA A 28 15.87 -38.87 -8.01
C ALA A 28 15.25 -37.91 -8.96
N ASP A 29 14.86 -38.39 -10.15
CA ASP A 29 14.22 -37.58 -11.14
C ASP A 29 13.00 -36.93 -10.66
N GLU A 30 12.10 -37.66 -10.01
CA GLU A 30 10.93 -37.13 -9.51
C GLU A 30 11.20 -36.22 -8.26
N ALA A 31 12.08 -36.60 -7.35
CA ALA A 31 12.34 -35.74 -6.17
C ALA A 31 12.83 -34.36 -6.62
N VAL A 32 13.68 -34.34 -7.63
CA VAL A 32 14.19 -33.15 -8.20
C VAL A 32 13.12 -32.29 -8.75
N LYS A 33 12.21 -32.90 -9.52
CA LYS A 33 11.09 -32.23 -10.07
C LYS A 33 10.20 -31.64 -9.07
N LEU A 34 9.86 -32.34 -8.02
CA LEU A 34 9.02 -31.74 -6.98
C LEU A 34 9.72 -30.63 -6.22
N GLN A 35 10.98 -30.83 -5.91
CA GLN A 35 11.71 -29.76 -5.18
C GLN A 35 11.69 -28.45 -6.00
N LYS A 36 11.93 -28.55 -7.28
CA LYS A 36 11.94 -27.43 -8.12
C LYS A 36 10.56 -26.75 -8.18
N GLU A 37 9.47 -27.51 -8.19
CA GLU A 37 8.12 -26.96 -8.20
C GLU A 37 7.87 -26.24 -6.92
N ILE A 38 8.23 -26.84 -5.81
CA ILE A 38 8.06 -26.19 -4.51
C ILE A 38 8.85 -24.86 -4.45
N ASP A 39 10.07 -24.92 -4.89
CA ASP A 39 11.05 -23.74 -4.89
C ASP A 39 10.46 -22.65 -5.74
N LYS A 40 10.04 -22.96 -6.92
CA LYS A 40 9.43 -21.99 -7.74
C LYS A 40 8.09 -21.39 -7.32
N ARG A 41 7.23 -22.22 -6.78
CA ARG A 41 5.97 -21.75 -6.22
C ARG A 41 6.23 -20.74 -5.12
N CYS A 42 7.17 -21.04 -4.27
CA CYS A 42 7.52 -20.11 -3.20
C CYS A 42 8.01 -18.74 -3.76
N GLN A 43 8.84 -18.74 -4.79
CA GLN A 43 9.29 -17.51 -5.42
C GLN A 43 8.08 -16.77 -5.98
N HIS A 44 7.16 -17.45 -6.64
CA HIS A 44 6.05 -16.82 -7.31
C HIS A 44 5.08 -16.22 -6.25
N LYS A 45 4.94 -16.87 -5.13
CA LYS A 45 4.15 -16.38 -4.07
C LYS A 45 4.74 -15.06 -3.48
N ILE A 46 6.04 -15.03 -3.29
CA ILE A 46 6.67 -13.80 -2.90
C ILE A 46 6.48 -12.63 -3.89
N ALA A 47 6.64 -12.91 -5.16
CA ALA A 47 6.46 -11.92 -6.18
C ALA A 47 5.04 -11.37 -6.16
N GLU A 48 4.05 -12.18 -5.83
CA GLU A 48 2.64 -11.78 -5.86
C GLU A 48 2.39 -10.78 -4.80
N MET A 49 2.93 -11.05 -3.61
CA MET A 49 2.75 -10.23 -2.45
C MET A 49 3.44 -8.86 -2.66
N VAL A 50 4.65 -8.89 -3.19
CA VAL A 50 5.41 -7.70 -3.58
C VAL A 50 4.67 -6.87 -4.62
N ALA A 51 4.10 -7.51 -5.59
CA ALA A 51 3.44 -6.77 -6.62
C ALA A 51 2.17 -6.08 -5.99
N LEU A 52 1.51 -6.74 -5.08
CA LEU A 52 0.37 -6.16 -4.34
C LEU A 52 0.76 -4.97 -3.47
N MET A 53 1.82 -5.12 -2.74
CA MET A 53 2.37 -4.04 -1.98
C MET A 53 2.75 -2.81 -2.85
N GLU A 54 3.21 -3.05 -4.05
CA GLU A 54 3.62 -1.96 -4.91
C GLU A 54 2.41 -1.22 -5.45
N LYS A 55 1.37 -1.94 -5.76
CA LYS A 55 0.18 -1.35 -6.28
C LYS A 55 -0.44 -0.47 -5.16
N HIS A 56 -0.56 -1.02 -3.98
CA HIS A 56 -0.92 -0.25 -2.83
C HIS A 56 -0.06 0.96 -2.57
N LYS A 57 1.24 0.79 -2.66
CA LYS A 57 2.13 1.88 -2.47
C LYS A 57 1.90 2.97 -3.52
N HIS A 58 1.63 2.65 -4.76
CA HIS A 58 1.40 3.69 -5.74
C HIS A 58 0.05 4.38 -5.56
N GLN A 59 -0.97 3.62 -5.17
CA GLN A 59 -2.26 4.18 -4.85
C GLN A 59 -2.18 5.21 -3.77
N TYR A 60 -1.39 4.90 -2.74
CA TYR A 60 -1.14 5.82 -1.68
C TYR A 60 -0.37 7.07 -2.13
N ASP A 61 0.63 6.89 -2.97
CA ASP A 61 1.46 8.00 -3.42
C ASP A 61 0.59 9.00 -4.17
N LYS A 62 -0.41 8.53 -4.90
CA LYS A 62 -1.22 9.38 -5.69
C LYS A 62 -2.11 10.27 -4.75
N ILE A 63 -2.74 9.63 -3.76
CA ILE A 63 -3.49 10.30 -2.70
C ILE A 63 -2.68 11.39 -1.98
N ILE A 64 -1.53 11.01 -1.45
CA ILE A 64 -0.63 11.90 -0.76
C ILE A 64 0.02 12.99 -1.63
N GLU A 65 0.26 12.76 -2.91
CA GLU A 65 0.97 13.78 -3.75
C GLU A 65 0.03 14.81 -4.43
N GLU A 66 -1.28 14.61 -4.29
CA GLU A 66 -2.24 15.59 -4.73
C GLU A 66 -2.76 16.36 -3.49
N ARG A 67 -1.99 16.33 -2.40
CA ARG A 67 -2.41 16.81 -1.14
C ARG A 67 -2.06 18.23 -1.07
N ASP A 68 -0.84 18.57 -1.56
CA ASP A 68 -0.37 19.98 -1.58
C ASP A 68 -1.35 20.84 -2.37
N SER A 69 -1.65 20.41 -3.60
CA SER A 69 -2.77 20.99 -4.38
C SER A 69 -4.21 21.09 -3.62
N GLU A 70 -4.77 19.96 -3.24
CA GLU A 70 -5.96 20.01 -2.36
C GLU A 70 -5.84 21.02 -1.18
N LEU A 71 -4.69 21.06 -0.48
CA LEU A 71 -4.48 22.05 0.60
C LEU A 71 -4.51 23.48 -0.01
N GLY A 72 -3.88 23.66 -1.18
CA GLY A 72 -3.93 24.91 -1.92
C GLY A 72 -5.35 25.44 -2.13
N LEU A 73 -6.19 24.71 -2.82
CA LEU A 73 -7.54 25.20 -3.04
C LEU A 73 -8.37 25.32 -1.79
N TYR A 74 -8.20 24.43 -0.84
CA TYR A 74 -8.80 24.51 0.45
C TYR A 74 -8.52 25.87 1.06
N LYS A 75 -7.25 26.24 1.05
CA LYS A 75 -6.74 27.46 1.68
C LYS A 75 -7.44 28.70 1.11
N SER A 76 -7.50 28.83 -0.21
CA SER A 76 -8.05 30.00 -0.81
C SER A 76 -9.61 30.01 -0.63
N LYS A 77 -10.27 28.84 -0.59
CA LYS A 77 -11.62 28.80 -0.26
C LYS A 77 -11.91 29.14 1.16
N GLU A 78 -11.08 28.69 2.10
CA GLU A 78 -11.24 28.98 3.49
C GLU A 78 -10.98 30.52 3.71
N GLN A 79 -10.06 31.13 2.95
CA GLN A 79 -9.79 32.56 3.09
C GLN A 79 -10.99 33.37 2.50
N GLU A 80 -11.56 32.92 1.37
CA GLU A 80 -12.72 33.57 0.91
C GLU A 80 -13.89 33.52 1.88
N GLN A 81 -14.16 32.37 2.49
CA GLN A 81 -15.24 32.25 3.44
C GLN A 81 -14.99 33.10 4.66
N SER A 82 -13.81 33.11 5.19
CA SER A 82 -13.51 33.95 6.33
C SER A 82 -13.53 35.47 6.07
N SER A 83 -13.13 35.89 4.89
CA SER A 83 -13.32 37.24 4.48
C SER A 83 -14.73 37.64 4.37
N LEU A 84 -15.56 36.80 3.76
CA LEU A 84 -16.97 37.10 3.71
C LEU A 84 -17.56 37.18 5.12
N ARG A 85 -17.21 36.25 5.95
CA ARG A 85 -17.71 36.24 7.30
C ARG A 85 -17.29 37.43 8.12
N ALA A 86 -16.09 37.88 7.94
CA ALA A 86 -15.61 39.13 8.66
C ALA A 86 -16.41 40.34 8.19
N SER A 87 -16.78 40.39 6.88
CA SER A 87 -17.59 41.57 6.37
C SER A 87 -18.95 41.43 6.85
N LEU A 88 -19.53 40.22 6.89
CA LEU A 88 -20.87 40.08 7.46
C LEU A 88 -20.93 40.60 8.89
N GLU A 89 -19.95 40.26 9.67
CA GLU A 89 -19.90 40.68 11.08
C GLU A 89 -19.72 42.19 11.28
N ILE A 90 -18.97 42.82 10.37
CA ILE A 90 -18.89 44.27 10.34
C ILE A 90 -20.21 44.83 10.01
N GLU A 91 -20.84 44.30 9.02
CA GLU A 91 -22.17 44.89 8.68
C GLU A 91 -23.27 44.67 9.75
N LEU A 92 -23.30 43.51 10.29
CA LEU A 92 -24.33 43.26 11.34
C LEU A 92 -24.04 44.18 12.58
N SER A 93 -22.80 44.42 12.84
CA SER A 93 -22.43 45.30 13.92
C SER A 93 -22.69 46.77 13.56
N ASN A 94 -22.64 47.17 12.28
CA ASN A 94 -23.04 48.55 11.95
C ASN A 94 -24.53 48.68 12.03
N LEU A 95 -25.27 47.65 11.62
CA LEU A 95 -26.71 47.65 11.69
C LEU A 95 -27.13 47.80 13.18
N LYS A 96 -26.50 47.06 14.06
CA LYS A 96 -26.91 47.08 15.45
C LYS A 96 -26.70 48.52 16.02
N ALA A 97 -25.48 49.07 15.91
CA ALA A 97 -25.18 50.45 16.39
C ALA A 97 -26.16 51.46 15.87
N GLU A 98 -26.48 51.38 14.59
CA GLU A 98 -27.41 52.31 14.04
C GLU A 98 -28.83 52.16 14.53
N LEU A 99 -29.29 50.94 14.73
CA LEU A 99 -30.64 50.77 15.26
C LEU A 99 -30.71 51.14 16.73
N LEU A 100 -29.69 50.84 17.50
CA LEU A 100 -29.51 51.33 18.86
C LEU A 100 -29.56 52.86 18.91
N SER A 101 -28.94 53.50 17.94
CA SER A 101 -29.00 54.94 17.85
C SER A 101 -30.44 55.43 17.67
N VAL A 102 -31.12 54.93 16.67
CA VAL A 102 -32.53 55.18 16.50
C VAL A 102 -33.36 54.75 17.72
N LYS A 103 -32.87 53.79 18.50
CA LYS A 103 -33.61 53.33 19.67
C LYS A 103 -33.46 54.35 20.80
N LYS A 104 -32.26 54.83 21.04
CA LYS A 104 -32.08 56.00 21.90
C LYS A 104 -33.00 57.21 21.51
N GLN A 105 -33.02 57.57 20.22
CA GLN A 105 -33.88 58.69 19.73
C GLN A 105 -35.40 58.41 19.73
N LEU A 106 -35.84 57.28 20.32
CA LEU A 106 -37.25 56.97 20.69
C LEU A 106 -38.28 56.81 19.54
N ILE B 12 -41.85 46.13 10.98
CA ILE B 12 -42.83 47.15 11.54
C ILE B 12 -42.17 48.00 12.65
N SER B 13 -42.14 47.49 13.87
CA SER B 13 -41.49 48.22 14.93
C SER B 13 -39.99 48.46 14.66
N GLU B 14 -39.47 49.60 15.08
CA GLU B 14 -38.03 49.77 15.17
C GLU B 14 -37.35 48.74 16.10
N GLU B 15 -37.94 48.50 17.28
CA GLU B 15 -37.35 47.56 18.28
C GLU B 15 -37.36 46.08 17.80
N ASN B 16 -38.37 45.72 17.01
CA ASN B 16 -38.36 44.49 16.30
C ASN B 16 -37.14 44.34 15.32
N LEU B 17 -36.73 45.38 14.58
CA LEU B 17 -35.55 45.30 13.69
C LEU B 17 -34.31 45.11 14.50
N LEU B 18 -34.20 45.81 15.61
CA LEU B 18 -33.00 45.72 16.35
C LEU B 18 -32.88 44.33 16.90
N GLU B 19 -34.02 43.73 17.34
CA GLU B 19 -33.96 42.40 17.96
C GLU B 19 -33.57 41.36 16.96
N GLU B 20 -34.17 41.43 15.79
CA GLU B 20 -33.81 40.58 14.71
C GLU B 20 -32.32 40.66 14.27
N VAL B 21 -31.71 41.83 14.33
CA VAL B 21 -30.28 42.01 14.03
C VAL B 21 -29.43 41.38 15.10
N GLU B 22 -29.76 41.66 16.35
CA GLU B 22 -29.07 41.09 17.43
C GLU B 22 -29.06 39.54 17.46
N LYS B 23 -30.15 38.92 17.13
CA LYS B 23 -30.22 37.55 17.08
C LYS B 23 -29.43 37.03 15.92
N ALA B 24 -29.55 37.63 14.71
CA ALA B 24 -28.76 37.18 13.60
C ALA B 24 -27.29 37.21 13.96
N LYS B 25 -26.88 38.19 14.75
CA LYS B 25 -25.53 38.33 15.08
C LYS B 25 -25.08 37.25 16.02
N VAL B 26 -25.94 36.89 16.96
CA VAL B 26 -25.58 35.76 17.84
C VAL B 26 -25.58 34.44 17.11
N ILE B 27 -26.52 34.25 16.26
CA ILE B 27 -26.57 33.02 15.41
C ILE B 27 -25.38 32.89 14.45
N ALA B 28 -24.98 33.98 13.81
CA ALA B 28 -23.70 33.98 12.97
C ALA B 28 -22.55 33.56 13.84
N ASP B 29 -22.41 34.10 15.05
CA ASP B 29 -21.30 33.75 15.88
C ASP B 29 -21.30 32.23 16.30
N GLU B 30 -22.44 31.70 16.61
CA GLU B 30 -22.49 30.31 16.91
C GLU B 30 -22.23 29.43 15.72
N ALA B 31 -22.68 29.87 14.56
CA ALA B 31 -22.41 29.09 13.40
C ALA B 31 -20.89 29.09 13.09
N VAL B 32 -20.23 30.19 13.27
CA VAL B 32 -18.82 30.30 13.01
C VAL B 32 -18.10 29.36 13.93
N LYS B 33 -18.49 29.39 15.20
CA LYS B 33 -17.83 28.57 16.16
C LYS B 33 -18.02 27.08 15.92
N LEU B 34 -19.21 26.65 15.59
CA LEU B 34 -19.48 25.25 15.40
C LEU B 34 -18.90 24.75 14.12
N GLN B 35 -18.91 25.58 13.04
CA GLN B 35 -18.27 25.16 11.82
C GLN B 35 -16.71 24.94 12.03
N LYS B 36 -16.08 25.72 12.88
CA LYS B 36 -14.66 25.56 13.09
C LYS B 36 -14.45 24.20 13.71
N GLU B 37 -15.29 23.85 14.67
CA GLU B 37 -15.11 22.62 15.40
C GLU B 37 -15.32 21.43 14.51
N ILE B 38 -16.36 21.45 13.64
CA ILE B 38 -16.55 20.41 12.63
C ILE B 38 -15.29 20.27 11.72
N ASP B 39 -14.84 21.37 11.16
CA ASP B 39 -13.78 21.36 10.17
C ASP B 39 -12.47 20.92 10.85
N LYS B 40 -12.19 21.42 12.03
CA LYS B 40 -11.08 20.95 12.81
C LYS B 40 -11.03 19.42 12.99
N ARG B 41 -12.12 18.81 13.40
CA ARG B 41 -12.21 17.38 13.55
C ARG B 41 -12.10 16.64 12.25
N CYS B 42 -12.65 17.17 11.15
CA CYS B 42 -12.64 16.45 9.96
C CYS B 42 -11.15 16.49 9.44
N GLN B 43 -10.48 17.64 9.50
CA GLN B 43 -9.13 17.73 8.98
C GLN B 43 -8.14 16.85 9.84
N HIS B 44 -8.37 16.75 11.13
CA HIS B 44 -7.57 15.91 11.96
C HIS B 44 -7.76 14.42 11.59
N LYS B 45 -8.94 13.99 11.22
CA LYS B 45 -9.11 12.67 10.77
C LYS B 45 -8.33 12.43 9.48
N ILE B 46 -8.47 13.34 8.53
CA ILE B 46 -7.78 13.27 7.30
C ILE B 46 -6.25 13.16 7.55
N ALA B 47 -5.71 13.93 8.49
CA ALA B 47 -4.28 13.91 8.76
C ALA B 47 -3.86 12.55 9.35
N GLU B 48 -4.68 11.97 10.21
CA GLU B 48 -4.34 10.70 10.79
C GLU B 48 -4.30 9.64 9.68
N MET B 49 -5.28 9.62 8.80
CA MET B 49 -5.27 8.67 7.73
C MET B 49 -4.11 8.85 6.73
N VAL B 50 -3.84 10.06 6.31
CA VAL B 50 -2.64 10.36 5.55
C VAL B 50 -1.37 9.85 6.22
N ALA B 51 -1.25 10.08 7.51
CA ALA B 51 -0.08 9.65 8.20
C ALA B 51 0.05 8.15 8.18
N LEU B 52 -1.02 7.41 8.39
CA LEU B 52 -1.00 6.01 8.37
C LEU B 52 -0.64 5.48 6.97
N MET B 53 -1.19 6.10 5.94
CA MET B 53 -0.91 5.70 4.60
C MET B 53 0.57 5.91 4.29
N GLU B 54 1.12 6.98 4.83
CA GLU B 54 2.48 7.31 4.55
C GLU B 54 3.43 6.33 5.25
N LYS B 55 3.14 5.99 6.49
CA LYS B 55 3.95 5.10 7.23
C LYS B 55 3.91 3.71 6.50
N HIS B 56 2.74 3.30 5.99
CA HIS B 56 2.63 2.05 5.23
C HIS B 56 3.39 2.06 3.94
N LYS B 57 3.20 3.10 3.16
CA LYS B 57 3.85 3.34 1.91
C LYS B 57 5.38 3.19 2.08
N HIS B 58 5.91 3.61 3.22
CA HIS B 58 7.32 3.61 3.45
C HIS B 58 7.82 2.21 3.76
N GLN B 59 7.13 1.49 4.64
CA GLN B 59 7.39 0.10 4.92
C GLN B 59 7.38 -0.76 3.63
N TYR B 60 6.38 -0.61 2.80
CA TYR B 60 6.37 -1.23 1.51
C TYR B 60 7.57 -0.86 0.70
N ASP B 61 7.90 0.40 0.71
CA ASP B 61 8.95 0.85 -0.17
C ASP B 61 10.30 0.25 0.19
N LYS B 62 10.58 0.11 1.47
CA LYS B 62 11.76 -0.50 1.92
C LYS B 62 11.80 -1.98 1.43
N ILE B 63 10.74 -2.73 1.66
CA ILE B 63 10.61 -4.12 1.18
C ILE B 63 10.85 -4.25 -0.26
N ILE B 64 10.25 -3.40 -1.06
CA ILE B 64 10.40 -3.42 -2.49
C ILE B 64 11.83 -3.09 -2.92
N GLU B 65 12.53 -2.26 -2.15
CA GLU B 65 13.88 -1.84 -2.54
C GLU B 65 14.92 -2.94 -2.27
N GLU B 66 14.72 -3.66 -1.20
CA GLU B 66 15.52 -4.76 -0.77
C GLU B 66 15.43 -5.99 -1.69
N ARG B 67 14.50 -6.07 -2.62
CA ARG B 67 14.25 -7.26 -3.34
C ARG B 67 15.44 -7.57 -4.26
N ASP B 68 16.03 -6.60 -4.94
CA ASP B 68 17.16 -6.83 -5.93
C ASP B 68 18.26 -7.54 -5.28
N SER B 69 18.57 -7.18 -4.08
CA SER B 69 19.63 -7.81 -3.47
C SER B 69 19.19 -9.19 -2.94
N GLU B 70 17.99 -9.31 -2.41
CA GLU B 70 17.55 -10.64 -2.02
C GLU B 70 17.45 -11.68 -3.20
N LEU B 71 17.00 -11.25 -4.32
CA LEU B 71 16.84 -12.01 -5.46
C LEU B 71 18.22 -12.34 -6.04
N GLY B 72 19.22 -11.44 -5.86
CA GLY B 72 20.61 -11.76 -6.29
C GLY B 72 21.19 -12.92 -5.56
N LEU B 73 21.04 -12.91 -4.26
CA LEU B 73 21.52 -13.91 -3.44
C LEU B 73 20.75 -15.32 -3.71
N TYR B 74 19.47 -15.26 -3.85
CA TYR B 74 18.70 -16.41 -4.27
C TYR B 74 19.17 -16.99 -5.57
N LYS B 75 19.38 -16.15 -6.57
CA LYS B 75 19.89 -16.58 -7.82
C LYS B 75 21.24 -17.32 -7.79
N SER B 76 22.10 -16.89 -6.90
CA SER B 76 23.32 -17.59 -6.61
C SER B 76 23.15 -19.02 -5.99
N LYS B 77 22.39 -19.15 -4.90
CA LYS B 77 22.06 -20.42 -4.38
C LYS B 77 21.31 -21.29 -5.41
N GLU B 78 20.39 -20.75 -6.10
CA GLU B 78 19.61 -21.48 -7.09
C GLU B 78 20.45 -22.04 -8.23
N GLN B 79 21.47 -21.30 -8.62
CA GLN B 79 22.35 -21.78 -9.65
C GLN B 79 23.11 -22.93 -9.16
N GLU B 80 23.63 -22.87 -7.97
CA GLU B 80 24.30 -23.97 -7.40
C GLU B 80 23.39 -25.20 -7.28
N GLN B 81 22.18 -24.98 -6.88
CA GLN B 81 21.21 -26.12 -6.65
C GLN B 81 20.86 -26.69 -8.01
N SER B 82 20.71 -25.91 -9.05
CA SER B 82 20.42 -26.39 -10.37
C SER B 82 21.59 -27.25 -10.88
N SER B 83 22.82 -26.83 -10.58
CA SER B 83 23.97 -27.67 -10.95
C SER B 83 23.98 -29.01 -10.20
N LEU B 84 23.62 -29.03 -8.95
CA LEU B 84 23.53 -30.20 -8.18
C LEU B 84 22.42 -31.17 -8.69
N ARG B 85 21.26 -30.65 -8.90
CA ARG B 85 20.15 -31.40 -9.45
C ARG B 85 20.54 -32.04 -10.80
N ALA B 86 21.06 -31.21 -11.73
CA ALA B 86 21.56 -31.72 -12.97
C ALA B 86 22.61 -32.77 -12.82
N SER B 87 23.56 -32.57 -11.89
CA SER B 87 24.65 -33.52 -11.85
C SER B 87 24.15 -34.91 -11.31
N LEU B 88 23.38 -34.87 -10.23
CA LEU B 88 22.73 -36.11 -9.67
C LEU B 88 22.02 -36.87 -10.82
N GLU B 89 21.28 -36.20 -11.62
CA GLU B 89 20.56 -36.78 -12.69
C GLU B 89 21.43 -37.41 -13.76
N ILE B 90 22.53 -36.76 -14.06
CA ILE B 90 23.45 -37.23 -15.02
C ILE B 90 24.21 -38.37 -14.49
N GLU B 91 24.58 -38.32 -13.25
CA GLU B 91 25.28 -39.40 -12.70
C GLU B 91 24.45 -40.68 -12.69
N LEU B 92 23.23 -40.58 -12.29
CA LEU B 92 22.34 -41.77 -12.19
C LEU B 92 21.97 -42.23 -13.63
N SER B 93 21.79 -41.30 -14.53
CA SER B 93 21.54 -41.65 -15.94
C SER B 93 22.77 -42.35 -16.55
N ASN B 94 23.96 -41.93 -16.20
CA ASN B 94 25.17 -42.57 -16.62
C ASN B 94 25.38 -43.98 -15.99
N LEU B 95 25.13 -44.15 -14.70
CA LEU B 95 25.20 -45.44 -14.09
C LEU B 95 24.25 -46.45 -14.75
N LYS B 96 23.02 -46.06 -15.09
CA LYS B 96 22.09 -46.90 -15.73
C LYS B 96 22.69 -47.32 -17.09
N ALA B 97 23.19 -46.36 -17.86
CA ALA B 97 23.78 -46.68 -19.21
C ALA B 97 24.84 -47.74 -19.16
N GLU B 98 25.78 -47.55 -18.27
CA GLU B 98 26.83 -48.42 -18.04
C GLU B 98 26.38 -49.80 -17.65
N LEU B 99 25.47 -49.94 -16.69
CA LEU B 99 24.94 -51.28 -16.39
C LEU B 99 24.09 -51.86 -17.54
N LEU B 100 23.25 -51.09 -18.27
CA LEU B 100 22.58 -51.61 -19.46
C LEU B 100 23.52 -52.15 -20.58
N SER B 101 24.70 -51.59 -20.66
CA SER B 101 25.74 -51.97 -21.63
C SER B 101 26.38 -53.29 -21.17
N VAL B 102 26.75 -53.36 -19.90
CA VAL B 102 27.25 -54.62 -19.35
C VAL B 102 26.23 -55.79 -19.39
N LYS B 103 24.92 -55.52 -19.30
CA LYS B 103 23.90 -56.54 -19.53
C LYS B 103 23.70 -56.87 -21.02
N LYS B 104 24.34 -56.12 -21.90
CA LYS B 104 24.23 -56.40 -23.31
C LYS B 104 25.46 -57.21 -23.78
N GLN B 105 26.65 -56.84 -23.33
CA GLN B 105 27.86 -57.65 -23.52
C GLN B 105 27.61 -59.10 -23.01
N LEU B 106 27.21 -59.19 -21.75
CA LEU B 106 26.90 -60.47 -21.11
C LEU B 106 25.80 -61.30 -21.76
N GLU B 107 24.79 -60.66 -22.33
CA GLU B 107 23.63 -61.41 -22.84
C GLU B 107 23.96 -62.03 -24.22
N ILE B 108 25.02 -61.52 -24.84
CA ILE B 108 25.38 -61.90 -26.21
C ILE B 108 26.13 -63.29 -26.28
C1 GOL C . 13.63 -14.56 -0.14
O1 GOL C . 13.71 -13.16 -0.34
C2 GOL C . 14.22 -15.29 -1.31
O2 GOL C . 13.68 -16.63 -1.46
C3 GOL C . 14.20 -14.42 -2.55
O3 GOL C . 12.99 -14.30 -3.28
C1 GOL D . -10.31 18.66 2.91
O1 GOL D . -11.27 18.41 2.02
C2 GOL D . -9.07 18.41 1.99
O2 GOL D . -9.29 18.64 0.57
C3 GOL D . -7.93 19.24 2.55
O3 GOL D . -7.42 18.59 3.74
#